data_6LPK
#
_entry.id   6LPK
#
_cell.length_a   40.500
_cell.length_b   179.200
_cell.length_c   142.900
_cell.angle_alpha   90.000
_cell.angle_beta   90.000
_cell.angle_gamma   90.000
#
_symmetry.space_group_name_H-M   'C 2 2 21'
#
loop_
_entity.id
_entity.type
_entity.pdbx_description
1 polymer 'Adenosine receptor A2a,Soluble cytochrome b562,Adenosine receptor A2a'
2 non-polymer 4-{2-[(7-amino-2-furan-2-yl[1,2,4]triazolo[1,5-a][1,3,5]triazin-5-yl)amino]ethyl}phenol
3 non-polymer 'SODIUM ION'
4 non-polymer CHOLESTEROL
5 non-polymer DODECANE
6 non-polymer PENTADECANE
7 non-polymer HEXANE
8 non-polymer Octadecane
9 non-polymer DECANE
10 non-polymer N-OCTANE
11 non-polymer UNDECANE
12 non-polymer '[(2~{R},3~{S})-2,3,4-tris(oxidanyl)butyl] (5~{R},9~{R},13~{R})-5,9,13,17-tetramethyloctadecanoate'
13 non-polymer TRIDECANE
14 water water
#
_entity_poly.entity_id   1
_entity_poly.type   'polypeptide(L)'
_entity_poly.pdbx_seq_one_letter_code
;MKTIIALSYIFCLVFADYKDDDDGAPPIMGSSVYITVELAIAVLAILGNVLVCWAVWLNSNLQNVTNYFVVSLAAADIAV
GVLAIPFAITISTGFCAACHGCLFIACFVLVLTQSSIFSLLAIAIDRYIAIRIPLRYNGLVTGTRAKGIIAICWVLSFAI
GLTPMLGWNNCGQPKEGKNHSQGCGEGQVACLFEDVVPMNYMVYFNFFACVLVPLLLMLGVYLRIFLAARRQLADLEDNW
ETLNDNLKVIEKADNAAQVKDALTKMRAAALDAQKATPPKLEDKSPDSPEMKDFRHGFDILVGQIDDALKLANEGKVKEA
QAAAEQLKTTRNAYIQKYLERARSTLQKEVHAAKSLAIIVGLFALCWLPLHIINCFTFFCPDCSHAPLWLMYLAIVLSHT
NSVVNPFIYAYRIREFRQTFRKIIRSHVLRQQEPFKAHHHHHHHHHH
;
_entity_poly.pdbx_strand_id   A
#
loop_
_chem_comp.id
_chem_comp.type
_chem_comp.name
_chem_comp.formula
8K6 non-polymer Octadecane 'C18 H38'
CLR non-polymer CHOLESTEROL 'C27 H46 O'
D10 non-polymer DECANE 'C10 H22'
D12 non-polymer DODECANE 'C12 H26'
ER0 non-polymer '[(2~{R},3~{S})-2,3,4-tris(oxidanyl)butyl] (5~{R},9~{R},13~{R})-5,9,13,17-tetramethyloctadecanoate' 'C26 H52 O5'
HEX non-polymer HEXANE 'C6 H14'
MYS non-polymer PENTADECANE 'C15 H32'
NA non-polymer 'SODIUM ION' 'Na 1'
OCT non-polymer N-OCTANE 'C8 H18'
TRD non-polymer TRIDECANE 'C13 H28'
UND non-polymer UNDECANE 'C11 H24'
ZMA non-polymer 4-{2-[(7-amino-2-furan-2-yl[1,2,4]triazolo[1,5-a][1,3,5]triazin-5-yl)amino]ethyl}phenol 'C16 H15 N7 O2'
#
# COMPACT_ATOMS: atom_id res chain seq x y z
N GLY A 24 43.25 -16.03 3.91
CA GLY A 24 41.93 -15.80 3.24
C GLY A 24 42.10 -15.14 1.88
N ALA A 25 41.19 -15.44 0.95
CA ALA A 25 41.13 -14.81 -0.39
C ALA A 25 41.35 -13.30 -0.25
N PRO A 26 42.07 -12.65 -1.18
CA PRO A 26 42.19 -11.19 -1.15
C PRO A 26 40.80 -10.54 -1.05
N PRO A 27 40.59 -9.59 -0.10
CA PRO A 27 39.27 -8.99 0.11
C PRO A 27 38.65 -8.36 -1.15
N ILE A 28 39.49 -7.78 -1.99
CA ILE A 28 39.05 -7.11 -3.24
C ILE A 28 38.24 -8.06 -4.10
N MET A 29 38.50 -9.36 -4.05
CA MET A 29 37.78 -10.30 -4.95
C MET A 29 36.29 -10.28 -4.53
N GLY A 30 36.00 -10.50 -3.25
CA GLY A 30 34.60 -10.46 -2.79
C GLY A 30 34.03 -9.07 -2.97
N SER A 31 34.82 -8.01 -2.79
CA SER A 31 34.35 -6.60 -2.93
C SER A 31 33.91 -6.35 -4.36
N SER A 32 34.60 -6.94 -5.35
CA SER A 32 34.26 -6.73 -6.78
C SER A 32 32.89 -7.30 -7.06
N VAL A 33 32.55 -8.42 -6.42
CA VAL A 33 31.25 -9.07 -6.69
C VAL A 33 30.15 -8.20 -6.08
N TYR A 34 30.35 -7.86 -4.81
CA TYR A 34 29.48 -6.89 -4.08
C TYR A 34 29.23 -5.66 -4.92
N ILE A 35 30.27 -4.95 -5.37
CA ILE A 35 30.09 -3.68 -6.09
C ILE A 35 29.36 -3.91 -7.40
N THR A 36 29.69 -4.98 -8.11
CA THR A 36 29.03 -5.30 -9.38
C THR A 36 27.53 -5.51 -9.17
N VAL A 37 27.15 -6.26 -8.13
CA VAL A 37 25.72 -6.54 -7.89
C VAL A 37 25.01 -5.24 -7.49
N GLU A 38 25.66 -4.42 -6.67
CA GLU A 38 25.04 -3.16 -6.23
C GLU A 38 24.80 -2.25 -7.44
N LEU A 39 25.77 -2.14 -8.35
CA LEU A 39 25.58 -1.31 -9.56
C LEU A 39 24.49 -1.84 -10.46
N ALA A 40 24.34 -3.16 -10.62
CA ALA A 40 23.27 -3.76 -11.42
C ALA A 40 21.92 -3.37 -10.79
N ILE A 41 21.81 -3.48 -9.46
CA ILE A 41 20.56 -3.09 -8.77
C ILE A 41 20.27 -1.61 -9.00
N ALA A 42 21.29 -0.77 -8.90
CA ALA A 42 21.15 0.70 -9.06
C ALA A 42 20.53 1.02 -10.42
N VAL A 43 21.08 0.45 -11.49
CA VAL A 43 20.59 0.73 -12.85
C VAL A 43 19.13 0.34 -12.97
N LEU A 44 18.79 -0.84 -12.52
CA LEU A 44 17.43 -1.35 -12.63
C LEU A 44 16.48 -0.52 -11.74
N ALA A 45 16.90 -0.14 -10.54
CA ALA A 45 16.09 0.71 -9.65
C ALA A 45 15.78 2.03 -10.36
N ILE A 46 16.78 2.63 -10.97
CA ILE A 46 16.61 3.94 -11.65
C ILE A 46 15.67 3.77 -12.84
N LEU A 47 15.96 2.83 -13.72
CA LEU A 47 15.19 2.69 -14.96
C LEU A 47 13.72 2.37 -14.67
N GLY A 48 13.44 1.41 -13.81
CA GLY A 48 12.07 0.96 -13.57
C GLY A 48 11.24 2.07 -12.94
N ASN A 49 11.85 2.82 -12.02
CA ASN A 49 11.10 3.83 -11.23
C ASN A 49 10.91 5.09 -12.08
N VAL A 50 11.87 5.40 -12.94
CA VAL A 50 11.70 6.51 -13.91
C VAL A 50 10.52 6.17 -14.80
N LEU A 51 10.40 4.91 -15.24
CA LEU A 51 9.25 4.49 -16.05
C LEU A 51 7.95 4.75 -15.28
N VAL A 52 7.88 4.39 -14.00
CA VAL A 52 6.68 4.67 -13.16
C VAL A 52 6.34 6.17 -13.24
N CYS A 53 7.30 7.04 -13.00
CA CYS A 53 7.06 8.50 -12.92
C CYS A 53 6.60 9.00 -14.30
N TRP A 54 7.24 8.50 -15.35
CA TRP A 54 6.95 8.88 -16.76
C TRP A 54 5.52 8.49 -17.06
N ALA A 55 5.08 7.33 -16.60
CA ALA A 55 3.75 6.82 -16.90
C ALA A 55 2.70 7.74 -16.28
N VAL A 56 2.91 8.11 -15.00
CA VAL A 56 1.95 8.96 -14.26
C VAL A 56 1.88 10.34 -14.93
N TRP A 57 3.02 10.85 -15.37
CA TRP A 57 3.11 12.12 -16.13
C TRP A 57 2.28 12.04 -17.41
N LEU A 58 2.38 10.96 -18.16
CA LEU A 58 1.80 10.84 -19.53
C LEU A 58 0.29 10.69 -19.44
N ASN A 59 -0.19 9.88 -18.52
CA ASN A 59 -1.52 9.27 -18.51
C ASN A 59 -2.38 9.85 -17.38
N SER A 60 -3.31 10.73 -17.74
CA SER A 60 -4.14 11.48 -16.78
C SER A 60 -5.01 10.48 -16.03
N ASN A 61 -5.24 9.31 -16.61
CA ASN A 61 -5.96 8.22 -15.89
C ASN A 61 -5.16 7.72 -14.69
N LEU A 62 -3.84 7.95 -14.68
CA LEU A 62 -3.00 7.49 -13.54
C LEU A 62 -2.80 8.64 -12.57
N GLN A 63 -3.33 9.84 -12.88
CA GLN A 63 -3.06 11.03 -12.06
C GLN A 63 -4.15 11.16 -11.00
N ASN A 64 -4.04 10.40 -9.94
CA ASN A 64 -4.98 10.43 -8.79
C ASN A 64 -4.12 10.45 -7.52
N VAL A 65 -4.74 10.71 -6.37
CA VAL A 65 -3.99 10.87 -5.10
C VAL A 65 -3.22 9.59 -4.79
N THR A 66 -3.85 8.43 -4.98
CA THR A 66 -3.17 7.16 -4.68
C THR A 66 -1.82 7.13 -5.41
N ASN A 67 -1.81 7.52 -6.67
CA ASN A 67 -0.58 7.46 -7.49
C ASN A 67 0.38 8.58 -7.14
N TYR A 68 -0.03 9.65 -6.44
CA TYR A 68 0.94 10.66 -5.96
C TYR A 68 1.89 10.00 -4.95
N PHE A 69 1.34 9.14 -4.11
CA PHE A 69 2.12 8.36 -3.14
C PHE A 69 2.99 7.35 -3.88
N VAL A 70 2.46 6.77 -4.94
CA VAL A 70 3.26 5.84 -5.78
C VAL A 70 4.47 6.53 -6.34
N VAL A 71 4.30 7.77 -6.77
CA VAL A 71 5.39 8.58 -7.36
C VAL A 71 6.37 8.93 -6.26
N SER A 72 5.88 9.28 -5.07
CA SER A 72 6.79 9.59 -3.94
C SER A 72 7.67 8.35 -3.62
N LEU A 73 7.06 7.18 -3.59
CA LEU A 73 7.77 5.90 -3.37
C LEU A 73 8.77 5.63 -4.50
N ALA A 74 8.38 5.88 -5.75
CA ALA A 74 9.28 5.70 -6.92
C ALA A 74 10.47 6.64 -6.77
N ALA A 75 10.25 7.87 -6.29
CA ALA A 75 11.32 8.87 -6.11
C ALA A 75 12.33 8.38 -5.05
N ALA A 76 11.83 7.77 -3.99
CA ALA A 76 12.65 7.22 -2.93
C ALA A 76 13.48 6.06 -3.52
N ASP A 77 12.91 5.27 -4.41
CA ASP A 77 13.61 4.11 -5.03
C ASP A 77 14.64 4.61 -6.05
N ILE A 78 14.37 5.69 -6.78
CA ILE A 78 15.41 6.28 -7.67
C ILE A 78 16.57 6.75 -6.84
N ALA A 79 16.29 7.35 -5.68
CA ALA A 79 17.33 7.91 -4.83
C ALA A 79 18.16 6.77 -4.22
N VAL A 80 17.57 5.61 -4.06
CA VAL A 80 18.40 4.45 -3.64
C VAL A 80 19.44 4.17 -4.73
N GLY A 81 19.05 4.20 -6.00
CA GLY A 81 20.02 3.90 -7.08
C GLY A 81 21.07 4.98 -7.19
N VAL A 82 20.65 6.24 -7.10
CA VAL A 82 21.54 7.41 -7.40
C VAL A 82 22.42 7.73 -6.21
N LEU A 83 21.93 7.57 -4.98
CA LEU A 83 22.69 8.02 -3.79
C LEU A 83 22.97 6.88 -2.80
N ALA A 84 21.96 6.15 -2.36
CA ALA A 84 22.15 5.18 -1.28
C ALA A 84 23.11 4.08 -1.74
N ILE A 85 23.00 3.64 -2.98
CA ILE A 85 23.89 2.55 -3.39
C ILE A 85 25.31 3.05 -3.48
N PRO A 86 25.58 4.20 -4.12
CA PRO A 86 26.94 4.73 -4.01
C PRO A 86 27.48 4.94 -2.61
N PHE A 87 26.64 5.43 -1.70
CA PHE A 87 27.04 5.53 -0.29
C PHE A 87 27.33 4.17 0.28
N ALA A 88 26.52 3.17 -0.02
CA ALA A 88 26.77 1.82 0.54
C ALA A 88 28.14 1.30 0.06
N ILE A 89 28.42 1.46 -1.21
CA ILE A 89 29.73 1.04 -1.77
C ILE A 89 30.85 1.75 -1.03
N THR A 90 30.68 3.05 -0.79
CA THR A 90 31.71 3.86 -0.11
C THR A 90 31.96 3.32 1.29
N ILE A 91 30.90 3.16 2.06
CA ILE A 91 31.04 2.79 3.48
C ILE A 91 31.54 1.36 3.58
N SER A 92 31.39 0.53 2.55
CA SER A 92 31.91 -0.86 2.60
C SER A 92 33.44 -0.80 2.72
N THR A 93 34.07 0.32 2.34
CA THR A 93 35.56 0.41 2.30
C THR A 93 36.11 0.80 3.65
N GLY A 94 35.29 1.26 4.58
CA GLY A 94 35.81 1.68 5.89
C GLY A 94 36.72 2.91 5.74
N PHE A 95 36.51 3.73 4.70
CA PHE A 95 37.36 4.95 4.44
C PHE A 95 37.34 5.86 5.67
N CYS A 96 38.42 6.62 5.82
CA CYS A 96 38.54 7.64 6.89
C CYS A 96 37.62 8.81 6.63
N ALA A 97 36.84 9.24 7.62
CA ALA A 97 35.92 10.35 7.41
C ALA A 97 35.68 11.04 8.75
N ALA A 98 35.31 12.31 8.68
CA ALA A 98 34.84 13.02 9.88
C ALA A 98 33.59 12.25 10.33
N CYS A 99 33.42 12.02 11.61
CA CYS A 99 32.38 11.08 12.11
C CYS A 99 30.99 11.56 11.68
N HIS A 100 30.67 12.85 11.65
CA HIS A 100 29.35 13.32 11.22
C HIS A 100 29.14 13.13 9.71
N GLY A 101 30.19 13.26 8.88
CA GLY A 101 30.08 12.98 7.44
C GLY A 101 29.82 11.48 7.25
N CYS A 102 30.53 10.65 7.99
CA CYS A 102 30.36 9.19 7.99
C CYS A 102 28.88 8.89 8.35
N LEU A 103 28.34 9.49 9.43
CA LEU A 103 26.93 9.25 9.84
C LEU A 103 25.98 9.57 8.73
N PHE A 104 26.16 10.69 8.05
CA PHE A 104 25.26 11.06 6.97
C PHE A 104 25.25 9.97 5.90
N ILE A 105 26.42 9.50 5.46
CA ILE A 105 26.52 8.46 4.42
C ILE A 105 25.89 7.17 4.97
N ALA A 106 26.17 6.82 6.21
CA ALA A 106 25.60 5.61 6.86
C ALA A 106 24.08 5.71 6.96
N CYS A 107 23.53 6.86 7.32
CA CYS A 107 22.09 6.98 7.67
C CYS A 107 21.18 7.42 6.56
N PHE A 108 21.70 7.95 5.44
CA PHE A 108 20.83 8.53 4.43
C PHE A 108 19.82 7.49 3.93
N VAL A 109 20.25 6.23 3.79
CA VAL A 109 19.30 5.20 3.28
C VAL A 109 18.11 5.08 4.26
N LEU A 110 18.32 5.33 5.54
CA LEU A 110 17.23 5.24 6.54
C LEU A 110 16.17 6.30 6.28
N VAL A 111 16.57 7.45 5.73
CA VAL A 111 15.62 8.50 5.33
C VAL A 111 14.74 7.97 4.21
N LEU A 112 15.37 7.37 3.20
CA LEU A 112 14.63 6.87 2.03
C LEU A 112 13.67 5.74 2.43
N THR A 113 14.15 4.88 3.29
CA THR A 113 13.34 3.73 3.77
C THR A 113 12.17 4.29 4.56
N GLN A 114 12.43 5.28 5.41
CA GLN A 114 11.35 5.87 6.22
C GLN A 114 10.33 6.54 5.30
N SER A 115 10.77 7.24 4.27
CA SER A 115 9.86 7.85 3.30
C SER A 115 9.01 6.78 2.66
N SER A 116 9.61 5.64 2.30
CA SER A 116 8.88 4.50 1.69
C SER A 116 7.75 4.09 2.63
N ILE A 117 8.09 3.91 3.90
CA ILE A 117 7.12 3.41 4.91
C ILE A 117 5.94 4.37 4.97
N PHE A 118 6.19 5.67 5.03
CA PHE A 118 5.12 6.70 5.06
C PHE A 118 4.27 6.63 3.79
N SER A 119 4.88 6.49 2.62
CA SER A 119 4.14 6.38 1.34
C SER A 119 3.23 5.14 1.36
N LEU A 120 3.74 4.01 1.84
CA LEU A 120 2.97 2.75 1.87
C LEU A 120 1.80 2.94 2.86
N LEU A 121 2.09 3.53 4.01
CA LEU A 121 1.05 3.79 5.04
C LEU A 121 -0.04 4.69 4.46
N ALA A 122 0.33 5.73 3.72
CA ALA A 122 -0.60 6.69 3.12
C ALA A 122 -1.49 5.98 2.08
N ILE A 123 -0.89 5.09 1.26
CA ILE A 123 -1.63 4.31 0.25
C ILE A 123 -2.68 3.46 0.96
N ALA A 124 -2.32 2.75 2.01
CA ALA A 124 -3.23 1.83 2.68
C ALA A 124 -4.44 2.64 3.22
N ILE A 125 -4.16 3.74 3.89
CA ILE A 125 -5.22 4.58 4.51
C ILE A 125 -6.07 5.18 3.39
N ASP A 126 -5.45 5.66 2.31
CA ASP A 126 -6.17 6.16 1.11
C ASP A 126 -7.18 5.11 0.63
N ARG A 127 -6.79 3.85 0.50
CA ARG A 127 -7.69 2.81 -0.07
C ARG A 127 -8.80 2.50 0.95
N TYR A 128 -8.47 2.65 2.22
CA TYR A 128 -9.39 2.37 3.34
C TYR A 128 -10.49 3.44 3.32
N ILE A 129 -10.12 4.71 3.20
CA ILE A 129 -11.12 5.81 3.09
C ILE A 129 -12.01 5.59 1.85
N ALA A 130 -11.40 5.29 0.68
CA ALA A 130 -12.09 5.04 -0.61
C ALA A 130 -13.16 3.95 -0.48
N ILE A 131 -12.92 2.90 0.30
CA ILE A 131 -13.87 1.75 0.42
C ILE A 131 -14.88 1.97 1.56
N ARG A 132 -14.56 2.81 2.54
CA ARG A 132 -15.44 3.00 3.74
C ARG A 132 -16.39 4.19 3.54
N ILE A 133 -15.94 5.26 2.89
CA ILE A 133 -16.72 6.51 2.67
C ILE A 133 -16.46 7.04 1.28
N PRO A 134 -16.82 6.23 0.25
CA PRO A 134 -16.57 6.58 -1.13
C PRO A 134 -17.16 7.94 -1.54
N LEU A 135 -18.28 8.32 -0.94
CA LEU A 135 -19.00 9.56 -1.32
C LEU A 135 -18.21 10.76 -0.78
N ARG A 136 -17.65 10.64 0.42
CA ARG A 136 -16.82 11.69 1.05
C ARG A 136 -15.40 11.71 0.46
N TYR A 137 -14.90 10.58 -0.05
CA TYR A 137 -13.48 10.38 -0.40
C TYR A 137 -12.95 11.61 -1.16
N ASN A 138 -13.55 11.92 -2.31
CA ASN A 138 -13.05 12.94 -3.29
C ASN A 138 -12.96 14.34 -2.66
N GLY A 139 -13.69 14.61 -1.58
CA GLY A 139 -13.66 15.91 -0.89
C GLY A 139 -12.80 15.86 0.37
N LEU A 140 -12.64 14.69 0.96
CA LEU A 140 -11.71 14.52 2.10
C LEU A 140 -10.27 14.45 1.56
N VAL A 141 -10.04 13.65 0.51
CA VAL A 141 -8.67 13.32 0.01
C VAL A 141 -8.47 14.01 -1.33
N THR A 142 -7.87 15.19 -1.30
CA THR A 142 -7.58 16.01 -2.49
C THR A 142 -6.08 16.01 -2.77
N GLY A 143 -5.73 16.28 -4.02
CA GLY A 143 -4.37 16.41 -4.54
C GLY A 143 -3.58 17.39 -3.72
N THR A 144 -4.21 18.51 -3.36
CA THR A 144 -3.53 19.60 -2.62
C THR A 144 -3.21 19.10 -1.21
N ARG A 145 -4.14 18.40 -0.58
CA ARG A 145 -3.86 17.84 0.76
C ARG A 145 -2.76 16.76 0.59
N ALA A 146 -2.84 15.94 -0.48
CA ALA A 146 -1.91 14.80 -0.66
C ALA A 146 -0.50 15.38 -0.74
N LYS A 147 -0.31 16.43 -1.52
CA LYS A 147 1.00 17.06 -1.77
C LYS A 147 1.52 17.56 -0.43
N GLY A 148 0.65 18.09 0.43
CA GLY A 148 1.07 18.59 1.74
C GLY A 148 1.55 17.45 2.57
N ILE A 149 0.80 16.35 2.53
CA ILE A 149 1.11 15.14 3.35
C ILE A 149 2.46 14.59 2.88
N ILE A 150 2.71 14.62 1.59
CA ILE A 150 3.95 14.04 1.02
C ILE A 150 5.14 14.89 1.48
N ALA A 151 5.05 16.21 1.41
CA ALA A 151 6.11 17.12 1.88
C ALA A 151 6.40 16.84 3.35
N ILE A 152 5.37 16.74 4.15
CA ILE A 152 5.53 16.54 5.61
C ILE A 152 6.21 15.18 5.86
N CYS A 153 5.78 14.16 5.15
CA CYS A 153 6.35 12.81 5.31
C CYS A 153 7.85 12.84 4.98
N TRP A 154 8.23 13.59 3.96
CA TRP A 154 9.66 13.62 3.57
C TRP A 154 10.44 14.34 4.68
N VAL A 155 9.88 15.40 5.27
CA VAL A 155 10.63 16.13 6.33
C VAL A 155 10.76 15.21 7.53
N LEU A 156 9.67 14.55 7.93
CA LEU A 156 9.74 13.61 9.05
C LEU A 156 10.78 12.52 8.77
N SER A 157 10.85 12.04 7.54
CA SER A 157 11.80 10.96 7.16
C SER A 157 13.24 11.40 7.39
N PHE A 158 13.55 12.65 7.05
CA PHE A 158 14.90 13.23 7.28
C PHE A 158 15.17 13.28 8.77
N ALA A 159 14.18 13.68 9.58
CA ALA A 159 14.38 13.77 11.04
C ALA A 159 14.60 12.40 11.64
N ILE A 160 13.76 11.41 11.29
CA ILE A 160 13.89 10.06 11.84
C ILE A 160 15.19 9.42 11.39
N GLY A 161 15.46 9.42 10.09
CA GLY A 161 16.67 8.73 9.61
C GLY A 161 17.96 9.38 10.00
N LEU A 162 17.99 10.69 10.25
CA LEU A 162 19.26 11.35 10.60
C LEU A 162 19.28 11.69 12.08
N THR A 163 18.38 11.11 12.88
CA THR A 163 18.44 11.24 14.35
C THR A 163 19.84 11.00 14.91
N PRO A 164 20.60 9.99 14.44
CA PRO A 164 21.95 9.81 14.94
C PRO A 164 22.86 11.03 14.82
N MET A 165 22.61 11.90 13.84
CA MET A 165 23.47 13.10 13.64
C MET A 165 23.23 14.10 14.79
N LEU A 166 22.15 13.94 15.53
CA LEU A 166 21.82 14.88 16.65
C LEU A 166 22.51 14.48 17.94
N GLY A 167 23.24 13.38 17.95
CA GLY A 167 24.02 12.95 19.09
C GLY A 167 23.80 11.52 19.50
N TRP A 168 22.83 10.81 18.93
CA TRP A 168 22.64 9.39 19.29
C TRP A 168 23.56 8.57 18.36
N ASN A 169 24.85 8.56 18.67
CA ASN A 169 25.87 8.00 17.75
C ASN A 169 27.05 7.58 18.58
N ASN A 170 27.97 6.86 17.98
CA ASN A 170 29.16 6.35 18.69
C ASN A 170 30.39 7.17 18.33
N CYS A 171 30.22 8.39 17.82
CA CYS A 171 31.36 9.25 17.42
C CYS A 171 32.23 9.59 18.65
N GLY A 172 31.66 9.56 19.85
CA GLY A 172 32.39 9.88 21.08
C GLY A 172 33.18 8.70 21.61
N GLN A 173 33.08 7.53 20.97
CA GLN A 173 33.71 6.28 21.47
C GLN A 173 34.35 5.58 20.28
N PRO A 174 35.34 6.23 19.62
CA PRO A 174 35.89 5.71 18.37
C PRO A 174 36.73 4.45 18.58
N LYS A 175 36.85 3.63 17.54
CA LYS A 175 37.68 2.41 17.54
C LYS A 175 39.09 2.85 17.18
N GLU A 176 39.93 3.08 18.17
CA GLU A 176 41.32 3.62 17.98
C GLU A 176 42.15 2.63 17.17
N GLY A 177 41.97 1.32 17.42
CA GLY A 177 42.62 0.23 16.68
C GLY A 177 42.39 0.35 15.18
N LYS A 178 41.13 0.56 14.80
CA LYS A 178 40.76 0.69 13.38
C LYS A 178 41.29 2.02 12.84
N ASN A 179 41.14 3.10 13.63
CA ASN A 179 41.54 4.48 13.22
C ASN A 179 43.01 4.43 12.82
N HIS A 180 43.87 3.92 13.71
CA HIS A 180 45.34 3.86 13.50
C HIS A 180 45.71 2.91 12.37
N SER A 181 45.06 1.76 12.25
CA SER A 181 45.39 0.76 11.21
C SER A 181 45.06 1.34 9.82
N GLN A 182 43.93 2.04 9.68
CA GLN A 182 43.53 2.67 8.40
C GLN A 182 44.27 4.00 8.25
N GLY A 183 44.94 4.45 9.32
CA GLY A 183 45.77 5.67 9.32
C GLY A 183 44.92 6.91 9.14
N CYS A 184 43.77 7.00 9.82
CA CYS A 184 42.91 8.20 9.70
C CYS A 184 43.56 9.36 10.45
N GLY A 185 43.32 10.59 9.96
CA GLY A 185 43.77 11.83 10.60
C GLY A 185 42.93 12.16 11.81
N GLU A 186 43.11 13.34 12.40
CA GLU A 186 42.45 13.70 13.68
C GLU A 186 41.03 14.14 13.37
N GLY A 187 40.10 13.87 14.28
CA GLY A 187 38.65 14.04 14.08
C GLY A 187 38.03 12.95 13.21
N GLN A 188 38.83 12.02 12.67
CA GLN A 188 38.32 11.03 11.67
C GLN A 188 38.15 9.64 12.31
N VAL A 189 37.23 8.85 11.74
CA VAL A 189 37.00 7.43 12.13
C VAL A 189 37.11 6.64 10.86
N ALA A 190 37.38 5.35 10.99
CA ALA A 190 37.15 4.40 9.92
C ALA A 190 35.60 4.27 9.81
N CYS A 191 35.07 4.68 8.68
CA CYS A 191 33.61 4.82 8.49
C CYS A 191 33.02 3.44 8.22
N LEU A 192 32.59 2.80 9.31
CA LEU A 192 31.95 1.47 9.28
C LEU A 192 30.63 1.57 10.07
N PHE A 193 29.58 1.07 9.45
CA PHE A 193 28.19 1.27 9.91
C PHE A 193 28.11 0.97 11.42
N GLU A 194 28.49 -0.25 11.83
CA GLU A 194 28.23 -0.73 13.21
C GLU A 194 29.18 -0.07 14.20
N ASP A 195 30.23 0.61 13.73
CA ASP A 195 31.08 1.39 14.64
C ASP A 195 30.47 2.76 14.96
N VAL A 196 29.66 3.34 14.09
CA VAL A 196 29.21 4.74 14.31
C VAL A 196 27.74 4.80 14.64
N VAL A 197 26.94 3.89 14.08
CA VAL A 197 25.48 3.91 14.32
C VAL A 197 25.21 2.98 15.49
N PRO A 198 24.62 3.45 16.60
CA PRO A 198 24.36 2.61 17.77
C PRO A 198 23.29 1.56 17.47
N MET A 199 23.52 0.35 17.94
CA MET A 199 22.57 -0.75 17.67
C MET A 199 21.27 -0.50 18.47
N ASN A 200 21.29 0.20 19.61
CA ASN A 200 20.04 0.49 20.34
C ASN A 200 19.14 1.38 19.51
N TYR A 201 19.69 2.38 18.81
CA TYR A 201 18.96 3.17 17.81
C TYR A 201 18.39 2.25 16.73
N MET A 202 19.21 1.36 16.18
CA MET A 202 18.76 0.54 15.05
C MET A 202 17.62 -0.40 15.48
N VAL A 203 17.71 -0.95 16.67
CA VAL A 203 16.71 -1.99 17.07
C VAL A 203 15.46 -1.34 17.67
N TYR A 204 15.60 -0.53 18.72
CA TYR A 204 14.44 0.05 19.43
C TYR A 204 13.78 1.14 18.62
N PHE A 205 14.56 2.08 18.10
CA PHE A 205 13.98 3.26 17.46
C PHE A 205 13.64 2.98 15.99
N ASN A 206 14.64 2.58 15.22
CA ASN A 206 14.42 2.38 13.78
C ASN A 206 13.49 1.16 13.57
N PHE A 207 13.91 -0.01 14.01
CA PHE A 207 13.17 -1.24 13.70
C PHE A 207 11.81 -1.26 14.45
N PHE A 208 11.82 -1.30 15.77
CA PHE A 208 10.56 -1.50 16.53
C PHE A 208 9.59 -0.35 16.28
N ALA A 209 10.03 0.88 16.50
CA ALA A 209 9.13 2.03 16.51
C ALA A 209 8.84 2.51 15.09
N CYS A 210 9.84 2.59 14.21
CA CYS A 210 9.70 3.29 12.91
C CYS A 210 9.41 2.36 11.76
N VAL A 211 9.64 1.07 11.91
CA VAL A 211 9.39 0.12 10.82
C VAL A 211 8.29 -0.88 11.22
N LEU A 212 8.50 -1.61 12.28
CA LEU A 212 7.61 -2.75 12.62
C LEU A 212 6.22 -2.22 13.01
N VAL A 213 6.14 -1.16 13.80
CA VAL A 213 4.81 -0.61 14.17
C VAL A 213 4.06 -0.14 12.93
N PRO A 214 4.63 0.64 12.00
CA PRO A 214 3.93 0.97 10.77
C PRO A 214 3.56 -0.26 9.94
N LEU A 215 4.40 -1.29 9.91
CA LEU A 215 4.05 -2.49 9.09
C LEU A 215 2.81 -3.16 9.70
N LEU A 216 2.80 -3.27 11.02
CA LEU A 216 1.64 -3.89 11.73
C LEU A 216 0.40 -3.03 11.48
N LEU A 217 0.52 -1.70 11.51
CA LEU A 217 -0.64 -0.83 11.26
C LEU A 217 -1.12 -1.07 9.84
N MET A 218 -0.21 -1.14 8.89
CA MET A 218 -0.58 -1.42 7.49
C MET A 218 -1.32 -2.76 7.40
N LEU A 219 -0.83 -3.80 8.04
CA LEU A 219 -1.49 -5.13 8.07
C LEU A 219 -2.93 -4.97 8.56
N GLY A 220 -3.12 -4.22 9.65
CA GLY A 220 -4.43 -3.95 10.25
C GLY A 220 -5.35 -3.24 9.30
N VAL A 221 -4.85 -2.22 8.60
CA VAL A 221 -5.65 -1.43 7.61
C VAL A 221 -6.06 -2.33 6.44
N TYR A 222 -5.14 -3.07 5.82
CA TYR A 222 -5.48 -3.98 4.72
C TYR A 222 -6.55 -5.00 5.21
N LEU A 223 -6.40 -5.54 6.40
CA LEU A 223 -7.37 -6.49 7.00
C LEU A 223 -8.75 -5.82 7.02
N ARG A 224 -8.80 -4.56 7.48
CA ARG A 224 -10.07 -3.79 7.57
C ARG A 224 -10.62 -3.57 6.17
N ILE A 225 -9.77 -3.30 5.17
CA ILE A 225 -10.21 -3.14 3.75
C ILE A 225 -10.91 -4.44 3.31
N PHE A 226 -10.26 -5.59 3.51
CA PHE A 226 -10.80 -6.87 3.00
C PHE A 226 -12.10 -7.18 3.76
N LEU A 227 -12.13 -6.90 5.07
CA LEU A 227 -13.34 -7.16 5.90
C LEU A 227 -14.48 -6.26 5.43
N ALA A 228 -14.21 -4.98 5.10
CA ALA A 228 -15.21 -4.02 4.65
C ALA A 228 -15.76 -4.46 3.28
N ALA A 229 -14.92 -4.85 2.32
CA ALA A 229 -15.35 -5.28 0.98
C ALA A 229 -16.31 -6.47 1.15
N ARG A 230 -15.91 -7.45 1.95
CA ARG A 230 -16.66 -8.71 2.12
C ARG A 230 -18.04 -8.40 2.74
N ARG A 231 -18.09 -7.51 3.71
CA ARG A 231 -19.34 -7.14 4.43
C ARG A 231 -20.25 -6.36 3.46
N GLN A 232 -19.67 -5.54 2.57
CA GLN A 232 -20.45 -4.82 1.54
C GLN A 232 -21.05 -5.82 0.54
N LEU A 233 -20.25 -6.82 0.14
CA LEU A 233 -20.66 -7.85 -0.84
C LEU A 233 -21.76 -8.74 -0.22
N ALA A 234 -21.62 -9.11 1.06
CA ALA A 234 -22.63 -9.88 1.83
C ALA A 234 -23.96 -9.11 1.87
N ASP A 235 -23.92 -7.81 2.16
CA ASP A 235 -25.11 -6.95 2.33
C ASP A 235 -25.87 -6.80 0.99
N LEU A 236 -25.16 -6.63 -0.14
CA LEU A 236 -25.73 -6.63 -1.51
C LEU A 236 -26.49 -7.94 -1.76
N GLU A 237 -25.82 -9.07 -1.51
CA GLU A 237 -26.32 -10.44 -1.82
C GLU A 237 -27.54 -10.74 -0.93
N ASP A 238 -27.55 -10.25 0.31
CA ASP A 238 -28.66 -10.45 1.26
C ASP A 238 -29.87 -9.61 0.82
N ASN A 239 -29.63 -8.37 0.39
CA ASN A 239 -30.71 -7.48 -0.14
C ASN A 239 -31.31 -8.11 -1.39
N TRP A 240 -30.47 -8.63 -2.28
CA TRP A 240 -30.90 -9.35 -3.50
C TRP A 240 -31.84 -10.48 -3.10
N GLU A 241 -31.33 -11.41 -2.28
CA GLU A 241 -32.05 -12.65 -1.87
C GLU A 241 -33.33 -12.28 -1.12
N THR A 242 -33.33 -11.22 -0.31
CA THR A 242 -34.54 -10.72 0.41
C THR A 242 -35.61 -10.33 -0.62
N LEU A 243 -35.23 -9.55 -1.63
CA LEU A 243 -36.09 -9.20 -2.79
C LEU A 243 -36.76 -10.49 -3.31
N ASN A 244 -35.94 -11.45 -3.74
CA ASN A 244 -36.33 -12.63 -4.55
C ASN A 244 -37.22 -13.57 -3.72
N ASP A 245 -36.89 -13.75 -2.44
CA ASP A 245 -37.59 -14.68 -1.53
C ASP A 245 -38.96 -14.12 -1.17
N ASN A 246 -39.05 -12.81 -0.92
CA ASN A 246 -40.34 -12.13 -0.62
C ASN A 246 -41.24 -12.16 -1.87
N LEU A 247 -40.64 -12.12 -3.08
CA LEU A 247 -41.38 -12.29 -4.36
C LEU A 247 -42.09 -13.65 -4.41
N LYS A 248 -41.48 -14.70 -3.84
CA LYS A 248 -42.03 -16.09 -3.86
C LYS A 248 -43.03 -16.27 -2.71
N VAL A 249 -42.75 -15.71 -1.52
CA VAL A 249 -43.73 -15.59 -0.41
C VAL A 249 -45.04 -14.99 -0.95
N ILE A 250 -44.94 -13.89 -1.71
CA ILE A 250 -46.12 -13.12 -2.20
C ILE A 250 -46.93 -14.01 -3.15
N GLU A 251 -46.25 -14.77 -4.01
CA GLU A 251 -46.87 -15.63 -5.05
C GLU A 251 -47.74 -16.71 -4.39
N LYS A 252 -47.17 -17.49 -3.49
CA LYS A 252 -47.88 -18.63 -2.83
C LYS A 252 -48.63 -18.11 -1.59
N ALA A 253 -48.83 -16.79 -1.47
CA ALA A 253 -49.56 -16.18 -0.32
C ALA A 253 -51.05 -16.55 -0.39
N ASP A 254 -51.78 -16.32 0.70
CA ASP A 254 -53.21 -16.72 0.85
C ASP A 254 -54.05 -15.52 1.30
N ASN A 255 -53.45 -14.50 1.92
CA ASN A 255 -54.20 -13.32 2.44
C ASN A 255 -53.35 -12.05 2.36
N ALA A 256 -54.03 -10.90 2.52
CA ALA A 256 -53.48 -9.52 2.42
C ALA A 256 -52.32 -9.35 3.42
N ALA A 257 -52.48 -9.83 4.65
CA ALA A 257 -51.50 -9.67 5.75
C ALA A 257 -50.16 -10.31 5.34
N GLN A 258 -50.19 -11.51 4.74
CA GLN A 258 -48.98 -12.21 4.23
C GLN A 258 -48.28 -11.33 3.19
N VAL A 259 -49.00 -11.03 2.10
CA VAL A 259 -48.53 -10.18 0.96
C VAL A 259 -48.04 -8.83 1.52
N LYS A 260 -48.74 -8.26 2.50
CA LYS A 260 -48.38 -6.94 3.09
C LYS A 260 -47.01 -7.06 3.74
N ASP A 261 -46.77 -8.10 4.54
CA ASP A 261 -45.52 -8.30 5.32
C ASP A 261 -44.34 -8.43 4.35
N ALA A 262 -44.48 -9.28 3.31
CA ALA A 262 -43.41 -9.63 2.36
C ALA A 262 -43.01 -8.39 1.56
N LEU A 263 -43.97 -7.50 1.31
CA LEU A 263 -43.76 -6.24 0.55
C LEU A 263 -43.05 -5.22 1.44
N THR A 264 -43.40 -5.17 2.73
CA THR A 264 -42.75 -4.27 3.72
C THR A 264 -41.27 -4.64 3.80
N LYS A 265 -40.95 -5.94 3.76
CA LYS A 265 -39.55 -6.47 3.79
C LYS A 265 -38.84 -6.12 2.48
N MET A 266 -39.56 -6.18 1.35
CA MET A 266 -38.98 -5.87 0.03
C MET A 266 -38.64 -4.38 -0.02
N ARG A 267 -39.47 -3.54 0.61
CA ARG A 267 -39.34 -2.06 0.52
C ARG A 267 -38.08 -1.62 1.28
N ALA A 268 -37.88 -2.16 2.48
CA ALA A 268 -36.66 -1.99 3.32
C ALA A 268 -35.42 -2.42 2.51
N ALA A 269 -35.41 -3.65 2.03
CA ALA A 269 -34.34 -4.24 1.19
C ALA A 269 -34.02 -3.33 0.01
N ALA A 270 -35.05 -2.76 -0.62
CA ALA A 270 -34.92 -1.98 -1.87
C ALA A 270 -34.24 -0.65 -1.57
N LEU A 271 -34.62 0.01 -0.48
CA LEU A 271 -34.07 1.33 -0.07
C LEU A 271 -32.61 1.16 0.40
N ASP A 272 -32.27 0.05 1.07
CA ASP A 272 -30.88 -0.26 1.49
C ASP A 272 -29.98 -0.45 0.27
N ALA A 273 -30.40 -1.28 -0.69
CA ALA A 273 -29.68 -1.54 -1.96
C ALA A 273 -29.34 -0.23 -2.68
N GLN A 274 -30.24 0.77 -2.60
CA GLN A 274 -30.18 2.08 -3.29
C GLN A 274 -29.01 2.90 -2.73
N LYS A 275 -28.87 2.94 -1.40
CA LYS A 275 -27.83 3.72 -0.67
C LYS A 275 -26.43 3.25 -1.08
N MET A 291 -26.37 6.87 -13.96
CA MET A 291 -26.76 7.33 -12.61
C MET A 291 -28.19 7.87 -12.62
N LYS A 292 -28.65 8.38 -13.77
CA LYS A 292 -30.09 8.73 -13.98
C LYS A 292 -30.87 7.41 -14.18
N ASP A 293 -30.35 6.50 -15.02
CA ASP A 293 -31.00 5.22 -15.41
C ASP A 293 -31.10 4.32 -14.18
N PHE A 294 -30.07 4.38 -13.33
CA PHE A 294 -30.00 3.72 -12.00
C PHE A 294 -31.19 4.17 -11.15
N ARG A 295 -31.27 5.49 -10.91
CA ARG A 295 -32.32 6.13 -10.06
C ARG A 295 -33.70 5.73 -10.59
N HIS A 296 -33.95 5.97 -11.88
CA HIS A 296 -35.23 5.61 -12.53
C HIS A 296 -35.62 4.19 -12.11
N GLY A 297 -34.67 3.27 -12.19
CA GLY A 297 -34.89 1.83 -11.93
C GLY A 297 -35.42 1.56 -10.54
N PHE A 298 -34.88 2.23 -9.51
CA PHE A 298 -35.28 2.01 -8.11
C PHE A 298 -36.59 2.78 -7.82
N ASP A 299 -36.84 3.85 -8.57
CA ASP A 299 -38.07 4.66 -8.50
C ASP A 299 -39.22 3.77 -8.98
N ILE A 300 -39.01 3.07 -10.11
CA ILE A 300 -39.99 2.10 -10.66
C ILE A 300 -40.21 1.02 -9.58
N LEU A 301 -39.16 0.55 -8.93
CA LEU A 301 -39.26 -0.60 -8.00
C LEU A 301 -40.11 -0.23 -6.79
N VAL A 302 -39.72 0.84 -6.11
CA VAL A 302 -40.33 1.31 -4.83
C VAL A 302 -41.78 1.73 -5.11
N GLY A 303 -42.03 2.34 -6.26
CA GLY A 303 -43.37 2.74 -6.74
C GLY A 303 -44.26 1.54 -6.88
N GLN A 304 -43.77 0.51 -7.56
CA GLN A 304 -44.46 -0.77 -7.79
C GLN A 304 -44.74 -1.43 -6.45
N ILE A 305 -43.77 -1.39 -5.54
CA ILE A 305 -43.92 -1.94 -4.17
C ILE A 305 -45.07 -1.18 -3.49
N ASP A 306 -45.04 0.17 -3.50
CA ASP A 306 -45.98 1.07 -2.78
C ASP A 306 -47.40 0.93 -3.36
N ASP A 307 -47.53 0.80 -4.68
CA ASP A 307 -48.80 0.47 -5.38
C ASP A 307 -49.37 -0.85 -4.82
N ALA A 308 -48.58 -1.93 -4.82
CA ALA A 308 -48.99 -3.24 -4.26
C ALA A 308 -49.24 -3.14 -2.74
N LEU A 309 -48.68 -2.13 -2.07
CA LEU A 309 -48.79 -1.87 -0.60
C LEU A 309 -50.16 -1.25 -0.28
N LYS A 310 -50.58 -0.25 -1.06
CA LYS A 310 -51.90 0.42 -0.93
C LYS A 310 -53.02 -0.59 -1.23
N LEU A 311 -52.85 -1.48 -2.22
CA LEU A 311 -53.85 -2.53 -2.56
C LEU A 311 -54.02 -3.50 -1.37
N ALA A 312 -52.91 -4.00 -0.84
CA ALA A 312 -52.88 -4.97 0.29
C ALA A 312 -53.71 -4.42 1.46
N ASN A 313 -53.38 -3.22 1.93
CA ASN A 313 -54.06 -2.49 3.05
C ASN A 313 -55.59 -2.48 2.85
N GLU A 314 -56.03 -2.27 1.61
CA GLU A 314 -57.45 -2.15 1.20
C GLU A 314 -58.06 -3.56 1.06
N GLY A 315 -57.25 -4.60 1.21
CA GLY A 315 -57.71 -6.01 1.29
C GLY A 315 -57.61 -6.74 -0.03
N LYS A 316 -57.36 -6.03 -1.14
CA LYS A 316 -57.38 -6.60 -2.52
C LYS A 316 -56.14 -7.47 -2.74
N VAL A 317 -56.19 -8.74 -2.34
CA VAL A 317 -55.01 -9.66 -2.29
C VAL A 317 -54.54 -10.02 -3.70
N LYS A 318 -55.45 -10.28 -4.63
CA LYS A 318 -55.08 -10.78 -5.99
C LYS A 318 -54.52 -9.64 -6.85
N GLU A 319 -55.01 -8.41 -6.65
CA GLU A 319 -54.57 -7.19 -7.37
C GLU A 319 -53.17 -6.82 -6.85
N ALA A 320 -52.97 -6.84 -5.52
CA ALA A 320 -51.66 -6.75 -4.83
C ALA A 320 -50.70 -7.80 -5.40
N GLN A 321 -51.12 -9.07 -5.48
CA GLN A 321 -50.28 -10.20 -5.96
C GLN A 321 -49.93 -10.02 -7.43
N ALA A 322 -50.86 -9.49 -8.22
CA ALA A 322 -50.68 -9.25 -9.67
C ALA A 322 -49.67 -8.11 -9.83
N ALA A 323 -49.85 -7.03 -9.08
CA ALA A 323 -48.99 -5.82 -9.06
C ALA A 323 -47.56 -6.27 -8.76
N ALA A 324 -47.40 -7.20 -7.83
CA ALA A 324 -46.08 -7.72 -7.35
C ALA A 324 -45.40 -8.55 -8.45
N GLU A 325 -46.16 -9.09 -9.40
CA GLU A 325 -45.60 -9.86 -10.56
C GLU A 325 -44.87 -8.91 -11.51
N GLN A 326 -45.25 -7.63 -11.53
CA GLN A 326 -44.59 -6.55 -12.32
C GLN A 326 -43.14 -6.40 -11.84
N LEU A 327 -42.94 -6.52 -10.52
CA LEU A 327 -41.63 -6.26 -9.86
C LEU A 327 -40.54 -7.07 -10.54
N LYS A 328 -40.88 -8.25 -11.07
CA LYS A 328 -39.90 -9.21 -11.67
C LYS A 328 -39.21 -8.58 -12.90
N THR A 329 -39.92 -7.80 -13.71
CA THR A 329 -39.34 -7.23 -14.96
C THR A 329 -38.48 -6.02 -14.57
N THR A 330 -38.90 -5.25 -13.56
CA THR A 330 -38.10 -4.13 -13.01
C THR A 330 -36.77 -4.67 -12.44
N ARG A 331 -36.84 -5.71 -11.62
CA ARG A 331 -35.65 -6.41 -11.07
C ARG A 331 -34.73 -6.78 -12.25
N ASN A 332 -35.22 -7.60 -13.19
CA ASN A 332 -34.46 -8.14 -14.35
C ASN A 332 -33.87 -7.01 -15.20
N ALA A 333 -34.59 -5.91 -15.39
CA ALA A 333 -34.25 -4.83 -16.35
C ALA A 333 -33.32 -3.80 -15.72
N TYR A 334 -33.46 -3.50 -14.41
CA TYR A 334 -32.74 -2.40 -13.71
C TYR A 334 -31.88 -2.91 -12.54
N ILE A 335 -32.50 -3.65 -11.62
CA ILE A 335 -31.92 -3.91 -10.27
C ILE A 335 -30.76 -4.89 -10.40
N GLN A 336 -30.87 -5.89 -11.28
CA GLN A 336 -29.82 -6.92 -11.47
C GLN A 336 -28.59 -6.28 -12.13
N LYS A 337 -28.79 -5.20 -12.90
CA LYS A 337 -27.70 -4.42 -13.56
C LYS A 337 -26.93 -3.62 -12.51
N TYR A 338 -27.62 -2.89 -11.61
CA TYR A 338 -26.95 -2.12 -10.54
C TYR A 338 -26.22 -3.09 -9.59
N LEU A 339 -26.81 -4.26 -9.33
CA LEU A 339 -26.29 -5.28 -8.38
C LEU A 339 -24.93 -5.79 -8.87
N GLU A 340 -24.86 -6.13 -10.16
CA GLU A 340 -23.68 -6.71 -10.84
C GLU A 340 -22.62 -5.63 -11.07
N ARG A 341 -23.03 -4.38 -11.29
CA ARG A 341 -22.08 -3.25 -11.41
C ARG A 341 -21.42 -3.06 -10.04
N ALA A 342 -22.21 -3.06 -8.97
CA ALA A 342 -21.74 -2.82 -7.58
C ALA A 342 -20.77 -3.93 -7.19
N ARG A 343 -21.11 -5.20 -7.46
CA ARG A 343 -20.25 -6.37 -7.21
C ARG A 343 -18.91 -6.15 -7.96
N SER A 344 -18.96 -5.85 -9.24
CA SER A 344 -17.78 -5.68 -10.13
C SER A 344 -16.87 -4.55 -9.61
N THR A 345 -17.42 -3.41 -9.19
CA THR A 345 -16.67 -2.29 -8.56
C THR A 345 -15.95 -2.79 -7.29
N LEU A 346 -16.65 -3.47 -6.38
CA LEU A 346 -16.04 -3.95 -5.12
C LEU A 346 -14.92 -4.94 -5.47
N GLN A 347 -15.12 -5.82 -6.45
CA GLN A 347 -14.12 -6.84 -6.82
C GLN A 347 -12.86 -6.12 -7.32
N LYS A 348 -13.02 -5.07 -8.11
CA LYS A 348 -11.88 -4.28 -8.63
C LYS A 348 -11.13 -3.64 -7.46
N GLU A 349 -11.83 -3.17 -6.43
CA GLU A 349 -11.23 -2.51 -5.25
C GLU A 349 -10.42 -3.53 -4.45
N VAL A 350 -10.95 -4.74 -4.35
CA VAL A 350 -10.30 -5.85 -3.62
C VAL A 350 -9.03 -6.23 -4.39
N HIS A 351 -9.10 -6.29 -5.71
CA HIS A 351 -7.96 -6.72 -6.56
C HIS A 351 -6.84 -5.65 -6.44
N ALA A 352 -7.20 -4.38 -6.51
CA ALA A 352 -6.29 -3.22 -6.36
C ALA A 352 -5.65 -3.25 -4.97
N ALA A 353 -6.44 -3.49 -3.91
CA ALA A 353 -5.97 -3.60 -2.52
C ALA A 353 -5.00 -4.79 -2.41
N LYS A 354 -5.31 -5.96 -2.98
CA LYS A 354 -4.38 -7.12 -2.98
C LYS A 354 -3.01 -6.71 -3.59
N SER A 355 -3.04 -5.99 -4.70
CA SER A 355 -1.87 -5.56 -5.50
C SER A 355 -0.96 -4.69 -4.64
N LEU A 356 -1.57 -3.70 -3.97
CA LEU A 356 -0.84 -2.78 -3.07
C LEU A 356 -0.34 -3.52 -1.84
N ALA A 357 -1.06 -4.49 -1.31
CA ALA A 357 -0.62 -5.24 -0.13
C ALA A 357 0.60 -6.09 -0.50
N ILE A 358 0.67 -6.58 -1.73
CA ILE A 358 1.83 -7.37 -2.20
C ILE A 358 3.08 -6.50 -2.08
N ILE A 359 2.97 -5.23 -2.45
CA ILE A 359 4.07 -4.23 -2.37
C ILE A 359 4.59 -4.18 -0.95
N VAL A 360 3.69 -4.09 0.01
CA VAL A 360 4.05 -4.03 1.44
C VAL A 360 4.72 -5.33 1.83
N GLY A 361 4.18 -6.47 1.37
CA GLY A 361 4.77 -7.76 1.74
C GLY A 361 6.20 -7.86 1.20
N LEU A 362 6.44 -7.44 -0.03
CA LEU A 362 7.82 -7.48 -0.60
C LEU A 362 8.73 -6.49 0.14
N PHE A 363 8.18 -5.36 0.56
CA PHE A 363 8.98 -4.42 1.38
C PHE A 363 9.48 -5.14 2.63
N ALA A 364 8.54 -5.76 3.34
CA ALA A 364 8.85 -6.55 4.55
C ALA A 364 9.87 -7.67 4.27
N LEU A 365 9.66 -8.45 3.23
CA LEU A 365 10.57 -9.55 2.87
C LEU A 365 12.00 -9.01 2.69
N CYS A 366 12.14 -7.89 2.02
CA CYS A 366 13.47 -7.37 1.64
C CYS A 366 14.18 -6.70 2.80
N TRP A 367 13.46 -6.17 3.78
CA TRP A 367 14.06 -5.35 4.87
C TRP A 367 14.17 -6.16 6.16
N LEU A 368 13.24 -7.08 6.42
CA LEU A 368 13.29 -7.79 7.72
C LEU A 368 14.61 -8.51 7.95
N PRO A 369 15.28 -9.15 6.98
CA PRO A 369 16.49 -9.89 7.32
C PRO A 369 17.54 -9.02 8.00
N LEU A 370 17.77 -7.81 7.47
CA LEU A 370 18.79 -6.93 8.07
C LEU A 370 18.35 -6.56 9.48
N HIS A 371 17.09 -6.23 9.68
CA HIS A 371 16.59 -5.90 11.04
C HIS A 371 16.79 -7.09 12.00
N ILE A 372 16.43 -8.27 11.54
CA ILE A 372 16.55 -9.49 12.40
C ILE A 372 18.02 -9.74 12.73
N ILE A 373 18.91 -9.60 11.76
CA ILE A 373 20.35 -9.69 12.06
C ILE A 373 20.74 -8.70 13.13
N ASN A 374 20.34 -7.43 13.01
CA ASN A 374 20.66 -6.41 14.01
C ASN A 374 20.14 -6.85 15.40
N CYS A 375 18.96 -7.43 15.46
CA CYS A 375 18.42 -7.97 16.72
C CYS A 375 19.34 -9.00 17.31
N PHE A 376 19.92 -9.91 16.52
CA PHE A 376 20.86 -10.92 17.03
C PHE A 376 22.13 -10.25 17.52
N THR A 377 22.67 -9.32 16.71
CA THR A 377 23.86 -8.56 17.14
C THR A 377 23.62 -7.93 18.49
N PHE A 378 22.48 -7.28 18.66
CA PHE A 378 22.22 -6.46 19.84
C PHE A 378 21.84 -7.33 21.04
N PHE A 379 20.91 -8.26 20.88
CA PHE A 379 20.34 -8.98 22.07
C PHE A 379 21.14 -10.24 22.43
N CYS A 380 22.01 -10.70 21.54
CA CYS A 380 22.82 -11.92 21.73
C CYS A 380 24.31 -11.61 21.64
N PRO A 381 24.88 -10.94 22.66
CA PRO A 381 26.34 -10.75 22.74
C PRO A 381 27.15 -12.06 22.82
N ASP A 382 26.56 -13.18 23.24
CA ASP A 382 27.24 -14.50 23.28
C ASP A 382 27.24 -15.10 21.89
N CYS A 383 26.45 -14.52 20.96
CA CYS A 383 26.32 -15.14 19.62
C CYS A 383 27.47 -14.60 18.78
N SER A 384 28.01 -15.43 17.93
CA SER A 384 28.86 -14.98 16.82
C SER A 384 28.10 -13.94 16.02
N HIS A 385 28.74 -12.85 15.67
CA HIS A 385 28.22 -11.88 14.67
C HIS A 385 27.92 -12.62 13.38
N ALA A 386 26.80 -12.32 12.73
CA ALA A 386 26.51 -12.76 11.37
C ALA A 386 27.78 -12.53 10.56
N PRO A 387 28.15 -13.49 9.71
CA PRO A 387 29.34 -13.34 8.88
C PRO A 387 29.19 -12.18 7.88
N LEU A 388 30.31 -11.67 7.40
CA LEU A 388 30.31 -10.52 6.46
C LEU A 388 29.51 -10.87 5.22
N TRP A 389 29.68 -12.06 4.65
CA TRP A 389 28.98 -12.38 3.39
C TRP A 389 27.45 -12.28 3.61
N LEU A 390 26.96 -12.67 4.78
CA LEU A 390 25.53 -12.63 5.07
C LEU A 390 25.10 -11.17 5.28
N MET A 391 25.92 -10.35 5.94
CA MET A 391 25.63 -8.90 6.06
C MET A 391 25.42 -8.34 4.65
N TYR A 392 26.35 -8.60 3.73
CA TYR A 392 26.28 -7.94 2.42
C TYR A 392 25.13 -8.52 1.61
N LEU A 393 24.83 -9.83 1.76
CA LEU A 393 23.62 -10.36 1.10
C LEU A 393 22.37 -9.60 1.60
N ALA A 394 22.25 -9.43 2.89
CA ALA A 394 21.06 -8.77 3.48
C ALA A 394 20.98 -7.32 3.01
N ILE A 395 22.13 -6.68 2.87
CA ILE A 395 22.16 -5.30 2.34
C ILE A 395 21.67 -5.28 0.92
N VAL A 396 22.22 -6.17 0.07
CA VAL A 396 21.83 -6.27 -1.34
C VAL A 396 20.33 -6.56 -1.45
N LEU A 397 19.80 -7.43 -0.61
CA LEU A 397 18.36 -7.76 -0.66
C LEU A 397 17.57 -6.47 -0.37
N SER A 398 17.99 -5.72 0.65
CA SER A 398 17.28 -4.47 1.02
C SER A 398 17.24 -3.57 -0.22
N HIS A 399 18.34 -3.49 -0.98
CA HIS A 399 18.40 -2.59 -2.15
C HIS A 399 17.51 -3.11 -3.28
N THR A 400 17.38 -4.43 -3.40
CA THR A 400 16.56 -5.04 -4.46
C THR A 400 15.12 -4.60 -4.29
N ASN A 401 14.74 -4.16 -3.09
CA ASN A 401 13.37 -3.69 -2.91
C ASN A 401 13.08 -2.54 -3.87
N SER A 402 14.08 -1.75 -4.18
CA SER A 402 13.94 -0.55 -5.04
C SER A 402 13.84 -0.92 -6.50
N VAL A 403 13.82 -2.22 -6.84
CA VAL A 403 13.66 -2.67 -8.24
C VAL A 403 12.27 -3.24 -8.45
N VAL A 404 11.63 -3.75 -7.42
CA VAL A 404 10.53 -4.71 -7.65
C VAL A 404 9.22 -3.99 -7.98
N ASN A 405 8.95 -2.79 -7.45
CA ASN A 405 7.58 -2.26 -7.52
C ASN A 405 7.13 -2.09 -8.97
N PRO A 406 7.94 -1.51 -9.87
CA PRO A 406 7.52 -1.37 -11.27
C PRO A 406 7.06 -2.69 -11.90
N PHE A 407 7.63 -3.81 -11.48
CA PHE A 407 7.21 -5.15 -11.98
C PHE A 407 5.82 -5.45 -11.44
N ILE A 408 5.56 -5.16 -10.17
CA ILE A 408 4.22 -5.44 -9.57
C ILE A 408 3.21 -4.58 -10.30
N TYR A 409 3.51 -3.32 -10.54
CA TYR A 409 2.53 -2.46 -11.22
C TYR A 409 2.22 -3.04 -12.61
N ALA A 410 3.25 -3.41 -13.36
CA ALA A 410 3.12 -3.90 -14.75
C ALA A 410 2.28 -5.17 -14.78
N TYR A 411 2.47 -6.08 -13.84
CA TYR A 411 1.77 -7.39 -13.85
C TYR A 411 0.35 -7.26 -13.32
N ARG A 412 0.10 -6.34 -12.38
CA ARG A 412 -1.14 -6.37 -11.57
C ARG A 412 -2.09 -5.24 -11.97
N ILE A 413 -1.62 -4.16 -12.57
CA ILE A 413 -2.45 -2.94 -12.76
C ILE A 413 -2.44 -2.58 -14.24
N ARG A 414 -3.57 -2.82 -14.89
CA ARG A 414 -3.69 -2.78 -16.37
C ARG A 414 -3.29 -1.39 -16.88
N GLU A 415 -3.73 -0.33 -16.21
CA GLU A 415 -3.46 1.07 -16.63
C GLU A 415 -1.95 1.34 -16.64
N PHE A 416 -1.19 0.80 -15.67
CA PHE A 416 0.29 0.93 -15.71
C PHE A 416 0.85 0.06 -16.85
N ARG A 417 0.46 -1.19 -16.91
CA ARG A 417 0.98 -2.10 -17.95
C ARG A 417 0.80 -1.45 -19.32
N GLN A 418 -0.39 -0.90 -19.59
CA GLN A 418 -0.71 -0.38 -20.95
C GLN A 418 0.12 0.86 -21.19
N THR A 419 0.32 1.70 -20.16
CA THR A 419 1.10 2.94 -20.33
C THR A 419 2.57 2.58 -20.51
N PHE A 420 3.07 1.56 -19.80
CA PHE A 420 4.48 1.13 -19.97
C PHE A 420 4.68 0.69 -21.43
N ARG A 421 3.74 -0.09 -21.96
CA ARG A 421 3.75 -0.62 -23.36
C ARG A 421 3.84 0.58 -24.32
N LYS A 422 2.94 1.56 -24.17
CA LYS A 422 2.96 2.78 -25.04
C LYS A 422 4.33 3.44 -24.98
N ILE A 423 4.87 3.69 -23.77
CA ILE A 423 6.15 4.43 -23.62
C ILE A 423 7.27 3.66 -24.31
N ILE A 424 7.29 2.34 -24.11
CA ILE A 424 8.40 1.48 -24.61
C ILE A 424 8.34 1.42 -26.13
N ARG A 425 7.17 1.09 -26.70
CA ARG A 425 6.94 1.07 -28.18
C ARG A 425 7.32 2.41 -28.82
N SER A 426 6.64 3.49 -28.42
CA SER A 426 6.76 4.86 -29.02
C SER A 426 8.14 5.47 -28.80
N HIS A 427 8.64 5.50 -27.56
CA HIS A 427 9.89 6.21 -27.19
C HIS A 427 11.10 5.26 -27.12
N VAL A 428 10.92 3.94 -27.30
CA VAL A 428 12.02 2.96 -27.57
C VAL A 428 11.50 1.88 -28.55
C1 ZMA B . 30.67 -4.76 8.08
C2 ZMA B . 31.75 -5.10 8.87
C3 ZMA B . 31.52 -5.61 10.13
O4 ZMA B . 32.54 -5.91 10.97
C5 ZMA B . 30.21 -5.77 10.60
C6 ZMA B . 29.15 -5.40 9.81
C7 ZMA B . 29.35 -4.98 8.51
C8 ZMA B . 28.20 -4.51 7.69
C9 ZMA B . 28.14 -3.03 7.91
N10 ZMA B . 26.99 -2.45 7.29
C11 ZMA B . 25.78 -2.43 7.84
N12 ZMA B . 24.84 -1.83 7.13
N13 ZMA B . 25.63 -3.09 9.03
C14 ZMA B . 24.39 -3.17 9.56
N15 ZMA B . 24.27 -3.77 10.75
N16 ZMA B . 23.38 -2.54 8.91
N17 ZMA B . 22.05 -2.42 9.25
C18 ZMA B . 23.61 -1.89 7.73
N19 ZMA B . 22.48 -1.38 7.29
C20 ZMA B . 21.57 -1.70 8.27
C21 ZMA B . 20.16 -1.40 8.27
C22 ZMA B . 19.44 -0.55 7.53
C23 ZMA B . 18.10 -0.72 7.95
C24 ZMA B . 18.11 -1.67 8.90
O25 ZMA B . 19.37 -2.09 9.14
NA NA C . 11.83 2.12 -1.13
C1 CLR D . 33.69 13.14 2.94
C2 CLR D . 34.76 12.81 3.99
C3 CLR D . 34.84 13.90 5.03
C4 CLR D . 33.49 14.09 5.68
C5 CLR D . 32.40 14.40 4.67
C6 CLR D . 31.62 15.45 4.82
C7 CLR D . 30.59 15.88 3.82
C8 CLR D . 30.14 14.71 2.95
C9 CLR D . 31.39 14.02 2.40
C10 CLR D . 32.27 13.40 3.52
C11 CLR D . 31.06 13.02 1.29
C12 CLR D . 30.21 13.67 0.20
C13 CLR D . 28.89 14.21 0.74
C14 CLR D . 29.27 15.24 1.82
C15 CLR D . 27.93 15.89 2.15
C16 CLR D . 27.27 16.05 0.76
C17 CLR D . 28.05 15.11 -0.20
C18 CLR D . 28.05 13.05 1.30
C19 CLR D . 31.68 12.10 4.05
C20 CLR D . 27.12 14.44 -1.22
C21 CLR D . 27.86 13.42 -2.08
C22 CLR D . 26.38 15.48 -2.09
C23 CLR D . 25.55 14.91 -3.24
C24 CLR D . 24.81 15.98 -4.03
C25 CLR D . 23.81 15.48 -5.10
C26 CLR D . 23.16 16.64 -5.83
C27 CLR D . 24.46 14.52 -6.09
O1 CLR D . 35.82 13.53 6.01
C1 CLR E . 22.85 -14.56 13.66
C2 CLR E . 24.17 -14.76 14.40
C3 CLR E . 24.21 -16.12 15.07
C4 CLR E . 24.10 -17.17 14.00
C5 CLR E . 22.79 -17.03 13.25
C6 CLR E . 21.95 -18.04 13.13
C7 CLR E . 20.72 -18.04 12.29
C8 CLR E . 20.58 -16.78 11.42
C9 CLR E . 21.02 -15.55 12.23
C10 CLR E . 22.52 -15.66 12.63
C11 CLR E . 20.68 -14.24 11.53
C12 CLR E . 19.28 -14.16 10.88
C13 CLR E . 18.94 -15.37 10.02
C14 CLR E . 19.14 -16.59 10.96
C15 CLR E . 18.42 -17.74 10.27
C16 CLR E . 17.36 -17.08 9.37
C17 CLR E . 17.45 -15.54 9.62
C18 CLR E . 19.82 -15.47 8.77
C19 CLR E . 23.44 -15.58 11.41
C20 CLR E . 16.87 -14.72 8.44
C21 CLR E . 17.18 -13.23 8.56
C22 CLR E . 15.35 -14.91 8.34
C23 CLR E . 14.73 -14.47 7.02
C24 CLR E . 13.26 -14.74 6.97
C25 CLR E . 12.44 -14.00 5.90
C26 CLR E . 12.05 -12.61 6.39
C27 CLR E . 13.18 -13.92 4.56
O1 CLR E . 25.42 -16.32 15.79
C1 CLR F . 16.74 -12.71 21.27
C2 CLR F . 18.01 -13.08 22.01
C3 CLR F . 18.21 -14.57 22.01
C4 CLR F . 18.23 -15.13 20.61
C5 CLR F . 17.02 -14.69 19.83
C6 CLR F . 16.30 -15.55 19.14
C7 CLR F . 15.12 -15.19 18.30
C8 CLR F . 15.09 -13.70 17.98
C9 CLR F . 15.35 -12.88 19.24
C10 CLR F . 16.76 -13.18 19.81
C11 CLR F . 15.10 -11.37 19.10
C12 CLR F . 13.77 -11.03 18.45
C13 CLR F . 13.60 -11.81 17.15
C14 CLR F . 13.73 -13.31 17.47
C15 CLR F . 13.21 -14.03 16.24
C16 CLR F . 12.13 -13.09 15.72
C17 CLR F . 12.17 -11.79 16.55
C18 CLR F . 14.66 -11.39 16.10
C19 CLR F . 17.87 -12.49 19.00
C20 CLR F . 11.69 -10.58 15.75
C21 CLR F . 11.71 -9.27 16.52
C22 CLR F . 10.27 -10.86 15.20
C23 CLR F . 9.76 -9.89 14.18
C24 CLR F . 8.27 -9.95 14.04
C25 CLR F . 7.73 -9.75 12.64
C26 CLR F . 8.05 -10.93 11.74
C27 CLR F . 6.22 -9.51 12.68
O1 CLR F . 19.45 -14.84 22.66
C1 D12 G . 28.94 5.74 -10.88
C2 D12 G . 28.86 5.58 -9.37
C3 D12 G . 29.95 4.62 -8.94
C4 D12 G . 30.12 4.56 -7.42
C5 D12 G . 31.19 5.52 -6.89
C6 D12 G . 32.27 4.77 -6.14
C7 D12 G . 32.72 5.52 -4.91
C8 D12 G . 33.78 4.73 -4.16
C9 D12 G . 34.65 5.66 -3.31
C10 D12 G . 35.83 4.95 -2.68
C11 D12 G . 36.26 5.68 -1.40
C12 D12 G . 37.73 5.52 -1.05
C1 MYS H . 18.88 -13.44 3.02
C2 MYS H . 18.43 -14.11 4.29
C3 MYS H . 18.38 -15.61 4.11
C4 MYS H . 19.76 -16.22 4.21
C5 MYS H . 19.70 -17.75 4.20
C6 MYS H . 21.03 -18.37 4.65
C7 MYS H . 20.90 -18.96 6.05
C8 MYS H . 22.19 -19.60 6.51
C9 MYS H . 22.64 -18.98 7.82
C10 MYS H . 23.90 -19.65 8.30
C11 MYS H . 24.87 -18.67 8.94
C12 MYS H . 25.63 -19.33 10.07
C13 MYS H . 26.99 -18.67 10.29
C14 MYS H . 27.34 -18.64 11.77
C15 MYS H . 28.79 -18.97 12.06
C1 HEX I . 33.53 2.36 -13.09
C2 HEX I . 33.02 2.22 -11.67
C3 HEX I . 34.07 1.79 -10.68
C4 HEX I . 33.54 1.55 -9.29
C5 HEX I . 34.41 2.07 -8.16
C6 HEX I . 35.73 1.35 -8.02
C1 MYS J . 40.66 10.11 -3.14
C2 MYS J . 39.14 10.10 -3.15
C3 MYS J . 38.59 10.22 -4.56
C4 MYS J . 37.08 10.31 -4.52
C5 MYS J . 36.46 10.35 -5.92
C6 MYS J . 34.93 10.33 -5.86
C7 MYS J . 34.25 10.38 -7.21
C8 MYS J . 32.95 11.17 -7.14
C9 MYS J . 32.25 11.43 -8.47
C10 MYS J . 31.41 12.71 -8.44
C11 MYS J . 30.57 12.88 -9.69
C12 MYS J . 29.23 13.52 -9.34
C13 MYS J . 28.62 14.23 -10.54
C14 MYS J . 27.25 14.80 -10.19
C15 MYS J . 26.78 15.72 -11.30
C1 8K6 K . 29.97 -3.40 -13.62
C2 8K6 K . 31.03 -2.38 -14.01
C3 8K6 K . 32.41 -2.69 -13.48
C4 8K6 K . 32.42 -3.33 -12.10
C5 8K6 K . 33.39 -2.70 -11.12
C6 8K6 K . 34.64 -3.53 -10.87
C7 8K6 K . 35.04 -3.63 -9.41
C8 8K6 K . 36.51 -3.33 -9.12
C9 8K6 K . 36.74 -2.21 -8.12
C10 8K6 K . 37.68 -2.56 -6.99
C11 8K6 K . 37.91 -1.41 -6.00
C12 8K6 K . 38.13 -1.87 -4.57
C13 8K6 K . 38.31 -0.72 -3.58
C14 8K6 K . 38.64 -1.18 -2.16
C15 8K6 K . 37.71 -2.24 -1.61
C16 8K6 K . 38.15 -2.84 -0.29
C17 8K6 K . 37.01 -3.04 0.71
C18 8K6 K . 37.39 -3.94 1.88
C1 D10 L . 0.70 9.71 7.87
C2 D10 L . 0.10 9.18 6.59
C3 D10 L . -1.37 9.44 6.51
C4 D10 L . -1.88 9.96 5.17
C5 D10 L . -3.37 10.09 5.09
C6 D10 L . -3.96 10.05 3.70
C7 D10 L . -4.80 11.26 3.34
C8 D10 L . -5.79 11.74 4.40
C9 D10 L . -6.08 13.24 4.35
C10 D10 L . -7.16 13.73 5.29
C1 OCT M . 25.65 -16.39 -2.31
C2 OCT M . 26.33 -17.10 -1.17
C3 OCT M . 27.60 -16.41 -0.68
C4 OCT M . 28.72 -17.35 -0.28
C5 OCT M . 28.43 -18.22 0.93
C6 OCT M . 29.65 -18.88 1.54
C7 OCT M . 30.89 -18.03 1.61
C8 OCT M . 31.92 -18.49 2.62
C1 OCT N . 5.46 -8.54 8.64
C2 OCT N . 4.05 -8.04 8.64
C3 OCT N . 3.68 -7.26 7.39
C4 OCT N . 2.93 -8.01 6.33
C5 OCT N . 1.83 -7.22 5.66
C6 OCT N . 1.43 -7.74 4.30
C7 OCT N . -0.04 -7.99 4.06
C8 OCT N . -0.32 -9.16 3.13
C1 MYS O . 21.31 -9.08 -9.48
C2 MYS O . 20.12 -8.17 -9.77
C3 MYS O . 18.86 -8.65 -9.04
C4 MYS O . 17.58 -8.23 -9.76
C5 MYS O . 16.43 -9.18 -9.40
C6 MYS O . 15.04 -8.53 -9.49
C7 MYS O . 13.92 -9.54 -9.73
C8 MYS O . 12.75 -8.95 -10.53
C9 MYS O . 11.78 -10.02 -11.08
C10 MYS O . 11.86 -10.22 -12.60
C11 MYS O . 11.09 -11.46 -13.04
C12 MYS O . 10.74 -11.39 -14.52
C13 MYS O . 9.99 -12.63 -15.01
C14 MYS O . 9.65 -12.51 -16.51
C15 MYS O . 9.11 -13.79 -17.13
C1 UND P . 13.62 -2.42 -15.42
C2 UND P . 12.76 -1.69 -16.44
C3 UND P . 13.46 -1.46 -17.75
C4 UND P . 12.95 -0.29 -18.54
C5 UND P . 13.29 -0.33 -20.01
C6 UND P . 13.78 0.98 -20.60
C7 UND P . 12.92 2.19 -20.29
C8 UND P . 13.67 3.51 -20.27
C9 UND P . 13.06 4.56 -19.37
C10 UND P . 13.68 5.94 -19.51
C11 UND P . 15.01 6.11 -18.80
C1 ER0 Q . 12.09 -11.27 -4.84
C2 ER0 Q . 13.39 -10.70 -4.31
C3 ER0 Q . 13.31 -9.18 -4.22
C4 ER0 Q . 14.61 -11.15 -5.16
C5 ER0 Q . 15.96 -10.58 -4.74
C6 ER0 Q . 17.22 -11.38 -5.09
C7 ER0 Q . 18.37 -11.32 -4.05
C8 ER0 Q . 18.57 -12.65 -3.33
C9 ER0 Q . 19.70 -10.77 -4.62
C10 ER0 Q . 20.58 -11.75 -5.39
C11 ER0 Q . 22.08 -11.48 -5.35
C12 ER0 Q . 22.97 -12.64 -4.89
C13 ER0 Q . 22.65 -13.94 -5.62
C14 ER0 Q . 24.46 -12.30 -4.99
C15 ER0 Q . 25.03 -11.52 -3.85
C16 ER0 Q . 26.37 -12.00 -3.33
C17 ER0 Q . 27.17 -10.95 -2.52
C18 ER0 Q . 26.31 -10.34 -1.43
C19 ER0 Q . 28.47 -11.55 -1.96
C20 ER0 Q . 29.23 -10.67 -0.97
C21 ER0 Q . 30.67 -11.03 -0.74
C22 ER0 Q . 31.31 -10.24 0.37
O1 ER0 Q . 31.33 -10.53 1.53
O2 ER0 Q . 31.92 -9.16 -0.10
C23 ER0 Q . 32.06 -8.02 0.79
C24 ER0 Q . 33.17 -8.29 1.78
O3 ER0 Q . 33.87 -9.48 1.42
C25 ER0 Q . 34.20 -7.14 1.91
O4 ER0 Q . 35.21 -7.32 0.92
C26 ER0 Q . 33.61 -5.76 1.81
O5 ER0 Q . 33.38 -5.37 0.45
C1 MYS R . 12.21 13.99 15.84
C2 MYS R . 10.78 13.70 15.51
C3 MYS R . 10.16 14.90 14.80
C4 MYS R . 8.92 15.38 15.54
C5 MYS R . 8.60 16.81 15.14
C6 MYS R . 7.24 17.28 15.66
C7 MYS R . 6.40 18.04 14.60
C8 MYS R . 7.00 18.21 13.19
C9 MYS R . 6.05 18.90 12.20
C10 MYS R . 6.67 19.01 10.80
C11 MYS R . 6.48 20.38 10.15
C12 MYS R . 6.64 20.30 8.64
C13 MYS R . 7.03 21.63 7.99
C14 MYS R . 6.16 22.02 6.78
C15 MYS R . 6.58 21.29 5.52
C1 8K6 S . 7.56 17.54 -2.13
C2 8K6 S . 9.05 17.86 -2.31
C3 8K6 S . 9.96 17.11 -1.35
C4 8K6 S . 10.43 17.95 -0.17
C5 8K6 S . 11.81 17.56 0.37
C6 8K6 S . 12.48 18.65 1.20
C7 8K6 S . 13.35 18.13 2.33
C8 8K6 S . 14.31 19.16 2.92
C9 8K6 S . 15.24 18.61 4.00
C10 8K6 S . 14.56 18.28 5.32
C11 8K6 S . 15.05 19.10 6.51
C12 8K6 S . 14.90 18.41 7.85
C13 8K6 S . 16.10 18.57 8.79
C14 8K6 S . 16.15 17.58 9.94
C15 8K6 S . 17.46 16.81 10.04
C16 8K6 S . 18.65 17.65 10.47
C17 8K6 S . 19.89 16.84 10.84
C18 8K6 S . 21.18 17.65 10.76
C1 8K6 T . 9.31 -9.92 -8.85
C2 8K6 T . 8.12 -10.71 -8.36
C3 8K6 T . 6.95 -10.69 -9.32
C4 8K6 T . 5.70 -11.37 -8.79
C5 8K6 T . 4.39 -10.86 -9.38
C6 8K6 T . 3.17 -11.03 -8.45
C7 8K6 T . 3.47 -11.69 -7.11
C8 8K6 T . 2.25 -12.23 -6.38
C9 8K6 T . 2.58 -13.36 -5.38
C10 8K6 T . 3.73 -13.04 -4.43
C11 8K6 T . 3.31 -12.86 -2.98
C12 8K6 T . 4.12 -11.83 -2.23
C13 8K6 T . 4.02 -11.92 -0.73
C14 8K6 T . 5.30 -12.34 -0.03
C15 8K6 T . 5.12 -12.75 1.41
C16 8K6 T . 6.08 -12.09 2.38
C17 8K6 T . 5.59 -12.06 3.83
C18 8K6 T . 6.70 -12.27 4.86
C1 TRD U . 28.39 10.82 -14.18
C2 TRD U . 29.42 10.14 -13.29
C3 TRD U . 30.31 9.17 -14.04
C4 TRD U . 31.66 9.72 -14.46
C5 TRD U . 32.79 8.72 -14.37
C6 TRD U . 33.28 8.47 -12.96
C7 TRD U . 34.69 7.97 -12.88
C8 TRD U . 35.18 7.75 -11.47
C9 TRD U . 36.05 6.54 -11.29
C10 TRD U . 36.82 6.51 -10.01
C11 TRD U . 38.12 7.27 -10.05
C12 TRD U . 38.85 7.36 -8.74
C13 TRD U . 40.18 8.06 -8.80
C1 OCT V . 13.85 -6.30 28.04
C2 OCT V . 14.99 -5.63 27.29
C3 OCT V . 16.33 -5.67 28.01
C4 OCT V . 17.44 -6.39 27.27
C5 OCT V . 18.55 -5.51 26.78
C6 OCT V . 19.73 -6.27 26.23
C7 OCT V . 20.77 -5.44 25.53
C8 OCT V . 21.95 -6.27 25.09
C1 TRD W . 22.86 18.44 0.57
C2 TRD W . 23.04 17.87 1.97
C3 TRD W . 23.98 18.68 2.85
C4 TRD W . 25.08 17.85 3.47
C5 TRD W . 25.64 18.42 4.74
C6 TRD W . 25.54 17.50 5.92
C7 TRD W . 26.75 16.65 6.17
C8 TRD W . 27.98 17.45 6.51
C9 TRD W . 28.85 16.84 7.58
C10 TRD W . 29.85 17.81 8.17
C11 TRD W . 31.25 17.27 8.37
C12 TRD W . 32.34 18.23 7.96
C13 TRD W . 32.24 19.61 8.57
C1 ER0 X . 25.05 4.14 -9.63
C2 ER0 X . 24.97 4.69 -11.05
C3 ER0 X . 24.30 3.71 -11.99
C4 ER0 X . 24.26 6.04 -11.08
C5 ER0 X . 24.83 7.09 -10.16
C6 ER0 X . 24.58 8.53 -10.56
C7 ER0 X . 25.63 9.54 -10.07
C8 ER0 X . 25.11 10.98 -10.11
C9 ER0 X . 26.16 9.12 -8.69
C10 ER0 X . 26.73 10.22 -7.82
C11 ER0 X . 27.65 9.64 -6.81
C12 ER0 X . 28.20 10.61 -5.76
C13 ER0 X . 27.10 11.35 -5.01
C14 ER0 X . 29.06 9.79 -4.84
C15 ER0 X . 29.67 10.48 -3.69
C16 ER0 X . 30.83 9.70 -3.20
C17 ER0 X . 31.43 10.18 -1.92
C18 ER0 X . 30.54 9.84 -0.73
C19 ER0 X . 32.83 9.62 -1.75
C20 ER0 X . 33.57 10.11 -0.54
C21 ER0 X . 34.99 9.64 -0.48
C22 ER0 X . 35.89 10.52 0.33
O1 ER0 X . 35.54 11.17 1.27
O2 ER0 X . 37.14 10.49 -0.11
C23 ER0 X . 38.05 9.60 0.56
C24 ER0 X . 39.04 10.44 1.34
O3 ER0 X . 38.68 11.80 1.19
C25 ER0 X . 39.10 10.11 2.84
O4 ER0 X . 39.76 8.86 3.04
C26 ER0 X . 39.79 11.19 3.66
O5 ER0 X . 38.85 12.17 4.09
C1 MYS Y . 11.00 18.10 12.67
C2 MYS Y . 11.65 19.20 11.84
C3 MYS Y . 13.16 19.04 11.81
C4 MYS Y . 13.86 20.00 12.76
C5 MYS Y . 15.15 19.41 13.34
C6 MYS Y . 16.08 20.44 13.98
C7 MYS Y . 17.49 19.89 14.04
C8 MYS Y . 18.52 20.93 14.48
C9 MYS Y . 19.69 21.04 13.51
C10 MYS Y . 21.09 21.01 14.16
C11 MYS Y . 21.67 19.59 14.30
C12 MYS Y . 23.17 19.46 13.92
C13 MYS Y . 23.97 18.73 15.01
C14 MYS Y . 25.44 18.51 14.66
C15 MYS Y . 26.28 18.24 15.92
C1 TRD Z . 17.07 12.28 -7.38
C2 TRD Z . 15.74 11.59 -7.56
C3 TRD Z . 14.54 12.51 -7.53
C4 TRD Z . 13.39 12.08 -8.42
C5 TRD Z . 12.28 13.10 -8.53
C6 TRD Z . 11.33 12.84 -9.68
C7 TRD Z . 9.98 13.51 -9.55
C8 TRD Z . 9.09 13.36 -10.78
C9 TRD Z . 7.71 13.96 -10.65
C10 TRD Z . 6.69 13.48 -11.67
C11 TRD Z . 5.43 14.31 -11.72
C12 TRD Z . 4.18 13.57 -12.16
C13 TRD Z . 2.88 14.27 -11.80
C1 MYS AA . 7.02 -9.07 17.92
C2 MYS AA . 7.68 -9.43 19.23
C3 MYS AA . 8.79 -8.43 19.52
C4 MYS AA . 9.33 -8.56 20.94
C5 MYS AA . 10.75 -9.12 20.96
C6 MYS AA . 11.52 -8.70 22.18
C7 MYS AA . 12.64 -9.69 22.42
C8 MYS AA . 13.59 -9.23 23.50
C9 MYS AA . 14.70 -10.26 23.71
C10 MYS AA . 15.35 -10.18 25.10
C11 MYS AA . 16.67 -10.90 25.08
C12 MYS AA . 17.56 -10.47 26.23
C13 MYS AA . 18.78 -11.38 26.31
C14 MYS AA . 18.97 -11.88 27.74
C15 MYS AA . 20.08 -12.90 27.88
C1 TRD BA . 15.98 13.03 -2.29
C2 TRD BA . 14.71 12.90 -3.08
C3 TRD BA . 13.57 13.79 -2.62
C4 TRD BA . 12.59 14.14 -3.73
C5 TRD BA . 11.13 14.20 -3.36
C6 TRD BA . 10.21 14.17 -4.57
C7 TRD BA . 8.81 13.66 -4.33
C8 TRD BA . 7.84 14.05 -5.42
C9 TRD BA . 6.39 13.77 -5.11
C10 TRD BA . 5.41 14.70 -5.83
C11 TRD BA . 4.12 14.04 -6.22
C12 TRD BA . 3.11 14.95 -6.91
C13 TRD BA . 2.49 14.36 -8.17
#